data_5VCZ
#
_entry.id   5VCZ
#
_cell.length_a   46.630
_cell.length_b   54.970
_cell.length_c   113.530
_cell.angle_alpha   90.000
_cell.angle_beta   90.000
_cell.angle_gamma   90.000
#
_symmetry.space_group_name_H-M   'P 21 21 21'
#
loop_
_entity.id
_entity.type
_entity.pdbx_description
1 polymer 'Membrane-associated tyrosine- and threonine-specific cdc2-inhibitory kinase'
2 non-polymer 4-[(3,5-DICHLORO-4-METHOXYPHENYL)AMINO]-6-METHOXY-7-[3-(4-METHYLPIPERAZIN-1-YL)PROPOXY]QUINOLINE-3-CARBONITRILE
3 non-polymer 1,2-ETHANEDIOL
4 non-polymer DI(HYDROXYETHYL)ETHER
5 water water
#
_entity_poly.entity_id   1
_entity_poly.type   'polypeptide(L)'
_entity_poly.pdbx_seq_one_letter_code
;MHHHHHHSSGVDLGTENLYFQSMHQLQPRRVSFRGEASETLQSPGYDPSRPESFFQQSFQRLSRLGHGSYGEVFKVRSKE
DGRLYAVKRSMSPFRGPKDRARKLAEVGSHEKVGQHPCCVRLEQAWEEGGILYLQTELCGPSLQQHCEAWGASLPEAQVW
GYLRDTLLALAHLHSQGLVHLDVKPANIFLGPRGRCKLGDFGLLVELGTAGAGEVQEGDPRYMAPELLQGSYGTAADVFS
LGLTILEVACNMELPHGGEGWQQLRQGYLPPEFTAGLSSELRSVLVMMLEPDPKLRATAEALLALPVLRQP
;
_entity_poly.pdbx_strand_id   A
#
# COMPACT_ATOMS: atom_id res chain seq x y z
N LEU A 13 -20.10 -0.63 -16.09
CA LEU A 13 -20.48 -2.01 -15.84
C LEU A 13 -21.85 -2.16 -15.19
N GLY A 14 -22.28 -1.14 -14.49
CA GLY A 14 -23.54 -1.28 -13.79
C GLY A 14 -24.79 -1.23 -14.65
N THR A 15 -24.68 -0.75 -15.89
CA THR A 15 -25.82 -0.78 -16.84
C THR A 15 -25.56 -1.82 -17.91
N GLU A 16 -24.50 -2.63 -17.78
CA GLU A 16 -24.17 -3.69 -18.75
C GLU A 16 -24.84 -4.98 -18.32
N ASN A 17 -24.97 -5.92 -19.26
CA ASN A 17 -25.61 -7.25 -19.08
C ASN A 17 -24.74 -8.23 -18.32
N LEU A 18 -24.27 -7.80 -17.16
CA LEU A 18 -23.27 -8.55 -16.41
C LEU A 18 -23.83 -9.12 -15.12
N TYR A 19 -25.13 -9.03 -14.95
CA TYR A 19 -25.73 -9.31 -13.68
C TYR A 19 -26.38 -10.64 -13.55
N PHE A 20 -26.19 -11.19 -12.36
CA PHE A 20 -26.90 -12.33 -11.81
C PHE A 20 -26.51 -13.56 -12.62
N GLN A 21 -25.19 -13.75 -12.73
CA GLN A 21 -24.63 -14.98 -13.33
C GLN A 21 -23.67 -15.69 -12.38
N SER A 22 -23.48 -17.00 -12.57
CA SER A 22 -22.48 -17.79 -11.84
C SER A 22 -22.49 -17.57 -10.33
N GLN A 27 -13.10 -24.67 -9.56
CA GLN A 27 -13.48 -23.50 -10.34
C GLN A 27 -12.40 -22.36 -10.42
N PRO A 28 -11.20 -22.56 -9.84
CA PRO A 28 -10.25 -21.44 -9.76
C PRO A 28 -9.72 -20.98 -11.12
N ARG A 29 -9.56 -19.68 -11.26
CA ARG A 29 -9.07 -19.09 -12.49
C ARG A 29 -8.03 -18.05 -12.13
N ARG A 30 -6.88 -18.13 -12.77
CA ARG A 30 -5.84 -17.09 -12.63
C ARG A 30 -6.34 -15.70 -13.03
N VAL A 31 -5.90 -14.69 -12.27
CA VAL A 31 -6.14 -13.31 -12.60
C VAL A 31 -4.83 -12.65 -13.00
N SER A 32 -4.82 -12.14 -14.23
CA SER A 32 -3.65 -11.46 -14.77
C SER A 32 -4.07 -10.58 -15.95
N PHE A 33 -3.79 -9.28 -15.82
CA PHE A 33 -4.08 -8.33 -16.88
C PHE A 33 -2.98 -8.36 -17.93
N ARG A 34 -1.77 -8.69 -17.49
CA ARG A 34 -0.62 -8.75 -18.38
C ARG A 34 -0.91 -9.70 -19.53
N GLY A 35 -1.39 -10.89 -19.17
CA GLY A 35 -1.62 -11.95 -20.14
C GLY A 35 -0.83 -13.18 -19.73
N GLU A 36 -1.40 -14.36 -19.95
CA GLU A 36 -0.81 -15.59 -19.45
C GLU A 36 -0.90 -16.73 -20.47
N ALA A 37 -0.06 -17.73 -20.27
CA ALA A 37 -0.11 -18.92 -21.11
C ALA A 37 -1.35 -19.73 -20.76
N SER A 38 -1.87 -19.54 -19.54
CA SER A 38 -3.04 -20.28 -19.08
C SER A 38 -3.66 -19.67 -17.83
N GLU A 39 -4.99 -19.65 -17.79
CA GLU A 39 -5.71 -19.29 -16.57
C GLU A 39 -6.04 -20.46 -15.64
N THR A 40 -5.62 -21.67 -15.99
CA THR A 40 -5.78 -22.86 -15.15
C THR A 40 -4.75 -22.87 -14.02
N LEU A 41 -5.16 -23.28 -12.80
CA LEU A 41 -4.22 -23.43 -11.67
C LEU A 41 -3.93 -24.88 -11.34
N GLN A 42 -2.66 -25.12 -11.04
CA GLN A 42 -2.20 -26.43 -10.60
C GLN A 42 -1.28 -26.26 -9.42
N SER A 43 -1.15 -27.30 -8.59
CA SER A 43 -0.23 -27.31 -7.48
C SER A 43 -0.09 -28.71 -6.91
N PRO A 44 1.10 -29.08 -6.46
CA PRO A 44 1.18 -30.17 -5.49
C PRO A 44 0.15 -29.94 -4.39
N GLY A 45 -0.56 -31.02 -4.02
CA GLY A 45 -1.58 -30.93 -2.99
C GLY A 45 -2.98 -30.61 -3.46
N TYR A 46 -3.13 -30.20 -4.74
CA TYR A 46 -4.40 -29.74 -5.27
C TYR A 46 -4.99 -30.74 -6.27
N ASP A 47 -6.22 -31.16 -6.02
CA ASP A 47 -7.03 -31.98 -6.91
C ASP A 47 -8.36 -31.26 -7.11
N PRO A 48 -8.62 -30.73 -8.31
CA PRO A 48 -9.86 -29.99 -8.53
C PRO A 48 -11.14 -30.79 -8.30
N SER A 49 -11.05 -32.10 -8.23
CA SER A 49 -12.26 -32.88 -7.95
C SER A 49 -12.54 -33.04 -6.46
N ARG A 50 -11.63 -32.62 -5.57
CA ARG A 50 -11.95 -32.54 -4.17
C ARG A 50 -12.63 -31.20 -3.89
N PRO A 51 -13.47 -31.16 -2.86
CA PRO A 51 -14.31 -29.96 -2.71
C PRO A 51 -13.64 -28.75 -2.08
N GLU A 52 -12.50 -28.94 -1.43
CA GLU A 52 -11.79 -27.82 -0.83
C GLU A 52 -11.29 -26.85 -1.92
N SER A 53 -11.17 -25.58 -1.56
CA SER A 53 -10.69 -24.60 -2.48
C SER A 53 -9.21 -24.78 -2.81
N PHE A 54 -8.79 -24.17 -3.91
CA PHE A 54 -7.39 -24.17 -4.30
C PHE A 54 -6.57 -23.63 -3.14
N PHE A 55 -7.04 -22.59 -2.48
CA PHE A 55 -6.30 -22.02 -1.36
C PHE A 55 -6.13 -23.00 -0.21
N GLN A 56 -7.20 -23.71 0.13
CA GLN A 56 -7.13 -24.70 1.18
C GLN A 56 -6.20 -25.85 0.87
N GLN A 57 -6.24 -26.32 -0.38
CA GLN A 57 -5.48 -27.49 -0.77
C GLN A 57 -4.01 -27.23 -1.03
N SER A 58 -3.68 -25.99 -1.42
CA SER A 58 -2.38 -25.70 -2.03
C SER A 58 -1.38 -24.96 -1.12
N PHE A 59 -1.84 -24.62 0.08
CA PHE A 59 -1.06 -23.87 1.06
C PHE A 59 -1.26 -24.44 2.45
N GLN A 60 -0.19 -24.37 3.24
CA GLN A 60 -0.32 -24.50 4.70
C GLN A 60 -0.60 -23.12 5.27
N ARG A 61 -1.72 -22.94 5.95
CA ARG A 61 -2.10 -21.68 6.54
C ARG A 61 -1.48 -21.61 7.91
N LEU A 62 -0.58 -20.65 8.13
CA LEU A 62 0.23 -20.62 9.33
C LEU A 62 -0.34 -19.62 10.34
N SER A 63 -0.65 -18.40 9.94
CA SER A 63 -1.22 -17.43 10.87
C SER A 63 -1.94 -16.37 10.15
N ARG A 64 -2.75 -15.62 10.89
CA ARG A 64 -3.45 -14.51 10.30
C ARG A 64 -2.72 -13.24 10.61
N LEU A 65 -2.21 -12.67 9.57
CA LEU A 65 -1.43 -11.41 9.63
C LEU A 65 -2.27 -10.17 9.80
N GLY A 66 -3.50 -10.22 9.27
CA GLY A 66 -4.39 -9.08 9.36
C GLY A 66 -5.82 -9.46 9.03
N HIS A 67 -6.77 -8.61 9.40
CA HIS A 67 -8.13 -8.81 9.02
C HIS A 67 -8.85 -7.48 9.09
N GLY A 68 -9.93 -7.40 8.34
CA GLY A 68 -10.78 -6.22 8.33
C GLY A 68 -11.98 -6.46 7.45
N SER A 69 -12.65 -5.39 7.11
N SER A 69 -12.65 -5.37 7.12
CA SER A 69 -13.87 -5.52 6.32
CA SER A 69 -13.85 -5.47 6.31
C SER A 69 -13.57 -6.13 4.94
C SER A 69 -13.56 -6.15 4.96
N TYR A 70 -12.34 -5.97 4.47
CA TYR A 70 -11.90 -6.42 3.17
C TYR A 70 -11.77 -7.95 3.08
N GLY A 71 -11.59 -8.60 4.23
CA GLY A 71 -11.18 -10.00 4.28
C GLY A 71 -10.05 -10.19 5.26
N GLU A 72 -9.12 -11.05 4.86
CA GLU A 72 -8.05 -11.51 5.76
C GLU A 72 -6.78 -11.65 5.00
N VAL A 73 -5.64 -11.43 5.67
CA VAL A 73 -4.33 -11.76 5.13
C VAL A 73 -3.70 -12.81 5.98
N PHE A 74 -3.24 -13.88 5.35
CA PHE A 74 -2.59 -15.00 6.02
C PHE A 74 -1.14 -15.13 5.66
N LYS A 75 -0.35 -15.53 6.63
CA LYS A 75 0.98 -16.08 6.34
C LYS A 75 0.79 -17.53 6.00
N VAL A 76 1.37 -17.92 4.88
CA VAL A 76 1.24 -19.28 4.36
C VAL A 76 2.56 -19.85 3.88
N ARG A 77 2.60 -21.18 3.79
CA ARG A 77 3.66 -21.87 3.13
C ARG A 77 3.06 -22.53 1.90
N SER A 78 3.68 -22.26 0.75
CA SER A 78 3.24 -22.83 -0.51
C SER A 78 3.66 -24.29 -0.65
N LYS A 79 2.72 -25.12 -1.03
CA LYS A 79 3.07 -26.51 -1.34
C LYS A 79 3.80 -26.66 -2.67
N GLU A 80 3.72 -25.66 -3.53
CA GLU A 80 4.42 -25.69 -4.83
C GLU A 80 5.95 -25.60 -4.62
N ASP A 81 6.39 -24.68 -3.73
CA ASP A 81 7.83 -24.45 -3.57
C ASP A 81 8.35 -24.47 -2.12
N GLY A 82 7.47 -24.76 -1.15
CA GLY A 82 7.85 -24.79 0.26
C GLY A 82 8.20 -23.45 0.88
N ARG A 83 8.00 -22.35 0.17
CA ARG A 83 8.38 -21.04 0.64
C ARG A 83 7.19 -20.30 1.28
N LEU A 84 7.53 -19.29 2.05
CA LEU A 84 6.56 -18.48 2.76
C LEU A 84 6.09 -17.33 1.89
N TYR A 85 4.80 -17.06 2.01
CA TYR A 85 4.14 -15.97 1.30
C TYR A 85 3.07 -15.35 2.19
N ALA A 86 2.50 -14.23 1.75
CA ALA A 86 1.27 -13.64 2.30
C ALA A 86 0.16 -13.84 1.29
N VAL A 87 -1.03 -14.23 1.73
CA VAL A 87 -2.20 -14.33 0.84
C VAL A 87 -3.36 -13.54 1.43
N LYS A 88 -3.87 -12.59 0.67
CA LYS A 88 -5.07 -11.87 1.01
C LYS A 88 -6.24 -12.50 0.32
N ARG A 89 -7.26 -12.83 1.12
CA ARG A 89 -8.52 -13.42 0.65
C ARG A 89 -9.66 -12.48 0.91
N SER A 90 -10.44 -12.13 -0.07
CA SER A 90 -11.59 -11.28 0.18
C SER A 90 -12.63 -11.95 1.06
N MET A 91 -13.41 -11.08 1.72
CA MET A 91 -14.30 -11.54 2.78
C MET A 91 -15.46 -12.39 2.31
N SER A 92 -16.11 -12.00 1.22
CA SER A 92 -17.36 -12.66 0.80
C SER A 92 -17.38 -12.60 -0.70
N PRO A 93 -18.21 -13.43 -1.33
CA PRO A 93 -18.24 -13.43 -2.79
C PRO A 93 -18.60 -12.08 -3.40
N PHE A 94 -18.08 -11.85 -4.59
CA PHE A 94 -18.29 -10.55 -5.24
C PHE A 94 -19.76 -10.14 -5.15
N ARG A 95 -19.97 -8.87 -4.85
CA ARG A 95 -21.33 -8.34 -4.79
C ARG A 95 -22.02 -8.31 -6.16
N GLY A 96 -21.20 -8.20 -7.21
CA GLY A 96 -21.64 -7.98 -8.59
C GLY A 96 -20.49 -7.53 -9.44
N PRO A 97 -20.77 -7.22 -10.67
CA PRO A 97 -19.68 -6.93 -11.60
C PRO A 97 -18.86 -5.70 -11.25
N LYS A 98 -19.42 -4.67 -10.65
CA LYS A 98 -18.61 -3.50 -10.30
C LYS A 98 -17.66 -3.81 -9.14
N ASP A 99 -18.16 -4.52 -8.14
CA ASP A 99 -17.33 -4.95 -7.05
C ASP A 99 -16.22 -5.85 -7.56
N ARG A 100 -16.55 -6.79 -8.42
CA ARG A 100 -15.53 -7.67 -8.99
C ARG A 100 -14.48 -6.87 -9.73
N ALA A 101 -14.91 -5.96 -10.58
CA ALA A 101 -13.95 -5.16 -11.36
C ALA A 101 -13.07 -4.31 -10.45
N ARG A 102 -13.62 -3.75 -9.38
CA ARG A 102 -12.84 -2.96 -8.45
C ARG A 102 -11.79 -3.78 -7.75
N LYS A 103 -12.17 -4.98 -7.31
CA LYS A 103 -11.24 -5.85 -6.62
C LYS A 103 -10.17 -6.37 -7.58
N LEU A 104 -10.53 -6.78 -8.78
CA LEU A 104 -9.51 -7.27 -9.73
C LEU A 104 -8.57 -6.16 -10.13
N ALA A 105 -9.00 -4.91 -10.10
CA ALA A 105 -8.11 -3.80 -10.42
C ALA A 105 -6.87 -3.80 -9.57
N GLU A 106 -6.93 -4.35 -8.36
CA GLU A 106 -5.74 -4.38 -7.50
C GLU A 106 -4.64 -5.19 -8.20
N VAL A 107 -5.01 -6.30 -8.82
CA VAL A 107 -4.02 -7.09 -9.55
C VAL A 107 -3.46 -6.29 -10.71
N GLY A 108 -4.30 -5.56 -11.43
CA GLY A 108 -3.83 -4.72 -12.51
C GLY A 108 -2.86 -3.69 -12.03
N SER A 109 -3.13 -3.13 -10.85
CA SER A 109 -2.27 -2.09 -10.33
C SER A 109 -0.93 -2.67 -9.97
N HIS A 110 -0.89 -3.85 -9.36
CA HIS A 110 0.41 -4.51 -9.20
C HIS A 110 1.14 -4.69 -10.49
N GLU A 111 0.44 -5.15 -11.50
CA GLU A 111 1.07 -5.38 -12.78
C GLU A 111 1.55 -4.04 -13.42
N LYS A 112 0.87 -2.92 -13.17
CA LYS A 112 1.30 -1.60 -13.68
C LYS A 112 2.56 -1.17 -12.89
N VAL A 113 2.64 -1.44 -11.60
CA VAL A 113 3.82 -1.14 -10.80
C VAL A 113 4.98 -2.06 -11.18
N GLY A 114 4.69 -3.33 -11.47
CA GLY A 114 5.73 -4.26 -11.89
C GLY A 114 6.69 -4.64 -10.78
N GLN A 115 7.90 -5.00 -11.15
CA GLN A 115 8.91 -5.39 -10.19
C GLN A 115 9.77 -4.16 -9.87
N HIS A 116 9.95 -3.87 -8.59
CA HIS A 116 10.84 -2.80 -8.17
C HIS A 116 11.33 -3.16 -6.76
N PRO A 117 12.60 -2.93 -6.42
CA PRO A 117 13.10 -3.45 -5.13
C PRO A 117 12.48 -2.84 -3.89
N CYS A 118 11.77 -1.73 -4.04
CA CYS A 118 11.15 -1.07 -2.90
C CYS A 118 9.63 -1.16 -2.96
N CYS A 119 9.12 -2.07 -3.78
CA CYS A 119 7.68 -2.34 -3.90
C CYS A 119 7.41 -3.81 -3.65
N VAL A 120 6.36 -4.13 -2.92
CA VAL A 120 6.05 -5.53 -2.65
C VAL A 120 5.72 -6.19 -3.98
N ARG A 121 6.32 -7.36 -4.20
CA ARG A 121 6.04 -8.20 -5.35
C ARG A 121 4.81 -9.11 -5.19
N LEU A 122 3.97 -9.10 -6.22
CA LEU A 122 2.85 -10.01 -6.35
C LEU A 122 3.33 -11.29 -7.07
N GLU A 123 3.15 -12.43 -6.41
CA GLU A 123 3.57 -13.71 -6.99
C GLU A 123 2.51 -14.27 -7.90
N GLN A 124 1.28 -14.25 -7.47
CA GLN A 124 0.18 -14.66 -8.32
C GLN A 124 -1.14 -14.28 -7.69
N ALA A 125 -2.20 -14.39 -8.47
CA ALA A 125 -3.53 -14.03 -8.04
C ALA A 125 -4.50 -14.93 -8.75
N TRP A 126 -5.59 -15.21 -8.09
CA TRP A 126 -6.65 -16.03 -8.69
C TRP A 126 -7.99 -15.76 -8.03
N GLU A 127 -9.07 -16.18 -8.67
CA GLU A 127 -10.39 -16.09 -8.10
C GLU A 127 -11.01 -17.46 -8.09
N GLU A 128 -11.84 -17.74 -7.11
CA GLU A 128 -12.56 -19.00 -7.02
C GLU A 128 -13.79 -18.74 -6.17
N GLY A 129 -14.96 -19.15 -6.66
CA GLY A 129 -16.13 -19.03 -5.83
C GLY A 129 -16.55 -17.60 -5.49
N GLY A 130 -16.14 -16.65 -6.33
CA GLY A 130 -16.39 -15.25 -6.06
C GLY A 130 -15.45 -14.57 -5.11
N ILE A 131 -14.43 -15.31 -4.66
CA ILE A 131 -13.42 -14.83 -3.72
C ILE A 131 -12.15 -14.55 -4.49
N LEU A 132 -11.49 -13.40 -4.22
CA LEU A 132 -10.23 -13.03 -4.86
C LEU A 132 -9.09 -13.28 -3.89
N TYR A 133 -8.02 -13.91 -4.41
CA TYR A 133 -6.81 -14.18 -3.64
C TYR A 133 -5.63 -13.54 -4.28
N LEU A 134 -4.83 -12.83 -3.48
CA LEU A 134 -3.58 -12.24 -3.95
C LEU A 134 -2.46 -12.79 -3.09
N GLN A 135 -1.47 -13.36 -3.73
CA GLN A 135 -0.30 -13.92 -3.06
C GLN A 135 0.92 -13.09 -3.31
N THR A 136 1.46 -12.49 -2.26
CA THR A 136 2.67 -11.64 -2.35
C THR A 136 3.84 -12.31 -1.66
N GLU A 137 5.05 -11.85 -1.95
CA GLU A 137 6.16 -12.17 -1.09
C GLU A 137 5.79 -11.84 0.36
N LEU A 138 6.35 -12.63 1.28
CA LEU A 138 6.23 -12.34 2.71
C LEU A 138 7.37 -11.37 3.10
N CYS A 139 7.00 -10.25 3.72
CA CYS A 139 7.94 -9.28 4.18
C CYS A 139 8.08 -9.40 5.68
N GLY A 140 8.90 -8.53 6.25
CA GLY A 140 8.92 -8.32 7.67
C GLY A 140 7.72 -7.54 8.12
N PRO A 141 7.66 -7.15 9.41
CA PRO A 141 6.51 -6.43 9.93
C PRO A 141 6.22 -5.12 9.21
N SER A 142 4.95 -4.73 9.27
CA SER A 142 4.64 -3.40 8.82
C SER A 142 5.36 -2.38 9.68
N LEU A 143 5.58 -1.22 9.12
CA LEU A 143 6.17 -0.13 9.86
C LEU A 143 5.32 0.22 11.07
N GLN A 144 3.99 0.14 10.96
CA GLN A 144 3.11 0.36 12.08
C GLN A 144 3.46 -0.63 13.19
N GLN A 145 3.53 -1.90 12.86
CA GLN A 145 3.82 -2.90 13.89
C GLN A 145 5.19 -2.73 14.47
N HIS A 146 6.18 -2.36 13.65
CA HIS A 146 7.54 -2.15 14.12
C HIS A 146 7.56 -1.04 15.15
N CYS A 147 6.86 0.04 14.87
CA CYS A 147 6.79 1.16 15.82
C CYS A 147 6.03 0.78 17.10
N GLU A 148 4.98 -0.01 16.99
CA GLU A 148 4.25 -0.51 18.18
C GLU A 148 5.24 -1.33 19.05
N ALA A 149 6.02 -2.18 18.41
CA ALA A 149 6.99 -3.02 19.12
C ALA A 149 8.09 -2.22 19.76
N TRP A 150 8.55 -1.18 19.06
CA TRP A 150 9.58 -0.29 19.58
C TRP A 150 9.05 0.44 20.81
N GLY A 151 7.82 0.90 20.77
CA GLY A 151 7.15 1.55 21.88
C GLY A 151 7.54 3.00 22.14
N ALA A 152 8.22 3.57 21.17
CA ALA A 152 8.81 4.90 21.25
C ALA A 152 9.12 5.41 19.86
N SER A 153 9.53 6.65 19.76
N SER A 153 9.54 6.65 19.76
CA SER A 153 9.99 7.18 18.50
CA SER A 153 10.03 7.19 18.52
C SER A 153 11.14 6.35 17.95
C SER A 153 11.13 6.32 17.95
N LEU A 154 11.19 6.17 16.64
CA LEU A 154 12.26 5.40 16.05
C LEU A 154 13.53 6.24 15.99
N PRO A 155 14.69 5.62 16.15
CA PRO A 155 15.93 6.35 15.90
C PRO A 155 16.00 6.89 14.49
N GLU A 156 16.56 8.08 14.34
CA GLU A 156 16.58 8.71 13.03
C GLU A 156 17.35 7.91 12.01
N ALA A 157 18.37 7.17 12.40
CA ALA A 157 19.11 6.37 11.42
C ALA A 157 18.15 5.40 10.72
N GLN A 158 17.23 4.79 11.45
CA GLN A 158 16.23 3.94 10.84
C GLN A 158 15.31 4.73 9.95
N VAL A 159 14.82 5.87 10.45
CA VAL A 159 13.89 6.71 9.73
C VAL A 159 14.43 7.09 8.34
N TRP A 160 15.69 7.53 8.26
CA TRP A 160 16.24 7.99 6.99
C TRP A 160 16.18 6.87 5.96
N GLY A 161 16.47 5.65 6.38
CA GLY A 161 16.43 4.51 5.46
C GLY A 161 15.05 4.23 4.94
N TYR A 162 14.06 4.28 5.84
CA TYR A 162 12.70 4.03 5.43
C TYR A 162 12.14 5.12 4.55
N LEU A 163 12.49 6.38 4.85
CA LEU A 163 12.16 7.49 4.01
C LEU A 163 12.73 7.33 2.62
N ARG A 164 14.02 6.99 2.50
CA ARG A 164 14.65 6.82 1.21
C ARG A 164 13.98 5.72 0.42
N ASP A 165 13.78 4.55 1.03
CA ASP A 165 13.22 3.44 0.29
C ASP A 165 11.79 3.72 -0.15
N THR A 166 10.97 4.36 0.69
CA THR A 166 9.58 4.63 0.32
C THR A 166 9.58 5.72 -0.76
N LEU A 167 10.49 6.71 -0.70
CA LEU A 167 10.61 7.68 -1.79
C LEU A 167 11.02 7.02 -3.11
N LEU A 168 11.91 6.04 -3.08
CA LEU A 168 12.28 5.32 -4.30
C LEU A 168 11.05 4.63 -4.89
N ALA A 169 10.21 4.03 -4.04
CA ALA A 169 8.98 3.42 -4.51
C ALA A 169 8.07 4.46 -5.11
N LEU A 170 7.84 5.56 -4.40
CA LEU A 170 6.99 6.62 -4.97
C LEU A 170 7.54 7.17 -6.28
N ALA A 171 8.84 7.40 -6.39
CA ALA A 171 9.39 7.88 -7.63
C ALA A 171 9.06 6.90 -8.76
N HIS A 172 9.15 5.61 -8.51
CA HIS A 172 8.79 4.59 -9.52
C HIS A 172 7.32 4.69 -9.93
N LEU A 173 6.40 4.77 -8.95
CA LEU A 173 4.98 4.92 -9.25
C LEU A 173 4.70 6.20 -10.02
N HIS A 174 5.25 7.31 -9.53
CA HIS A 174 4.90 8.63 -10.01
C HIS A 174 5.42 8.89 -11.40
N SER A 175 6.52 8.24 -11.75
CA SER A 175 7.08 8.50 -13.08
C SER A 175 6.13 7.92 -14.10
N GLN A 176 5.38 6.89 -13.72
CA GLN A 176 4.37 6.25 -14.56
C GLN A 176 2.95 6.78 -14.38
N GLY A 177 2.84 7.91 -13.69
CA GLY A 177 1.55 8.57 -13.52
C GLY A 177 0.60 7.84 -12.60
N LEU A 178 1.12 7.05 -11.67
CA LEU A 178 0.33 6.30 -10.68
C LEU A 178 0.42 6.99 -9.36
N VAL A 179 -0.71 7.05 -8.68
CA VAL A 179 -0.78 7.62 -7.36
C VAL A 179 -1.25 6.52 -6.41
N HIS A 180 -0.49 6.26 -5.33
CA HIS A 180 -0.82 5.20 -4.41
C HIS A 180 -2.11 5.45 -3.62
N LEU A 181 -2.23 6.66 -3.09
CA LEU A 181 -3.37 7.19 -2.35
C LEU A 181 -3.57 6.62 -0.95
N ASP A 182 -2.75 5.68 -0.48
CA ASP A 182 -2.87 5.28 0.93
C ASP A 182 -1.53 4.93 1.53
N VAL A 183 -0.56 5.83 1.35
CA VAL A 183 0.71 5.69 2.00
C VAL A 183 0.54 5.94 3.51
N LYS A 184 0.95 4.98 4.31
CA LYS A 184 0.81 5.06 5.76
C LYS A 184 1.66 3.92 6.36
N PRO A 185 1.95 3.95 7.66
CA PRO A 185 2.80 2.91 8.28
C PRO A 185 2.29 1.48 8.10
N ALA A 186 0.99 1.27 8.04
CA ALA A 186 0.46 -0.08 7.86
C ALA A 186 0.69 -0.64 6.46
N ASN A 187 1.09 0.18 5.52
CA ASN A 187 1.26 -0.26 4.11
C ASN A 187 2.69 -0.24 3.65
N ILE A 188 3.61 -0.13 4.61
CA ILE A 188 5.05 -0.20 4.40
C ILE A 188 5.59 -1.35 5.19
N PHE A 189 6.41 -2.20 4.60
CA PHE A 189 6.83 -3.46 5.22
C PHE A 189 8.32 -3.57 5.28
N LEU A 190 8.84 -3.90 6.45
CA LEU A 190 10.28 -3.96 6.66
C LEU A 190 10.91 -5.11 5.96
N GLY A 191 12.17 -4.92 5.59
CA GLY A 191 12.96 -6.00 5.02
C GLY A 191 14.18 -6.14 5.85
N PRO A 192 15.13 -6.93 5.35
CA PRO A 192 16.36 -7.06 6.11
C PRO A 192 17.17 -5.79 6.05
N ARG A 193 18.01 -5.62 7.08
CA ARG A 193 19.10 -4.67 7.07
C ARG A 193 18.59 -3.27 6.82
N GLY A 194 17.46 -2.92 7.42
CA GLY A 194 17.03 -1.53 7.48
C GLY A 194 16.31 -1.03 6.23
N ARG A 195 15.94 -1.96 5.36
CA ARG A 195 15.20 -1.59 4.17
C ARG A 195 13.69 -1.76 4.38
N CYS A 196 12.92 -1.19 3.46
CA CYS A 196 11.48 -1.41 3.45
C CYS A 196 10.89 -1.33 2.03
N LYS A 197 9.66 -1.81 1.92
CA LYS A 197 8.90 -1.87 0.67
C LYS A 197 7.51 -1.28 0.85
N LEU A 198 7.03 -0.53 -0.11
CA LEU A 198 5.66 -0.07 -0.18
C LEU A 198 4.78 -1.14 -0.77
N GLY A 199 3.67 -1.38 -0.12
CA GLY A 199 2.68 -2.30 -0.61
C GLY A 199 1.29 -1.75 -0.55
N ASP A 200 0.33 -2.65 -0.70
CA ASP A 200 -1.11 -2.36 -0.65
C ASP A 200 -1.51 -1.34 -1.75
N PHE A 201 -1.72 -1.87 -2.92
CA PHE A 201 -2.07 -1.08 -4.11
C PHE A 201 -3.57 -1.09 -4.40
N GLY A 202 -4.38 -1.36 -3.38
CA GLY A 202 -5.83 -1.39 -3.58
C GLY A 202 -6.49 -0.07 -3.93
N LEU A 203 -5.90 1.06 -3.59
CA LEU A 203 -6.49 2.35 -3.86
C LEU A 203 -5.73 3.05 -4.99
N LEU A 204 -4.72 2.41 -5.54
CA LEU A 204 -3.88 3.06 -6.55
C LEU A 204 -4.68 3.45 -7.81
N VAL A 205 -4.42 4.65 -8.32
CA VAL A 205 -5.04 5.13 -9.56
C VAL A 205 -3.99 5.56 -10.56
N GLU A 206 -4.38 5.42 -11.83
CA GLU A 206 -3.57 5.90 -12.92
C GLU A 206 -4.23 7.20 -13.31
N LEU A 207 -3.53 8.28 -13.20
CA LEU A 207 -4.06 9.58 -13.47
C LEU A 207 -4.49 9.66 -14.92
N GLY A 208 -5.56 10.40 -15.15
CA GLY A 208 -6.11 10.50 -16.48
C GLY A 208 -6.59 9.12 -16.84
N THR A 209 -7.39 8.61 -15.90
CA THR A 209 -7.96 7.29 -15.87
C THR A 209 -9.04 7.14 -16.86
N ALA A 210 -9.24 8.17 -17.70
CA ALA A 210 -10.22 8.05 -18.75
C ALA A 210 -11.62 7.89 -18.23
N GLY A 211 -12.18 8.96 -17.68
CA GLY A 211 -11.54 10.28 -17.60
C GLY A 211 -10.82 10.44 -16.27
N ALA A 212 -11.40 11.24 -15.37
CA ALA A 212 -10.85 11.40 -14.03
C ALA A 212 -11.91 10.78 -13.13
N GLY A 213 -11.55 9.75 -12.36
CA GLY A 213 -12.45 9.03 -11.46
C GLY A 213 -13.18 7.84 -12.07
N GLU A 214 -13.96 7.09 -11.27
CA GLU A 214 -14.20 7.30 -9.82
C GLU A 214 -13.05 6.91 -8.81
N VAL A 215 -13.08 7.46 -7.61
CA VAL A 215 -12.00 7.19 -6.65
C VAL A 215 -12.41 6.91 -5.25
N GLN A 216 -11.69 6.00 -4.67
CA GLN A 216 -11.90 5.71 -3.25
C GLN A 216 -10.89 6.51 -2.37
N GLU A 217 -11.27 6.78 -1.12
CA GLU A 217 -10.43 7.64 -0.28
C GLU A 217 -9.53 6.84 0.69
N GLY A 218 -8.31 7.32 0.85
CA GLY A 218 -7.36 6.75 1.80
C GLY A 218 -7.60 7.20 3.24
N ASP A 219 -6.75 6.75 4.14
CA ASP A 219 -6.93 6.98 5.56
C ASP A 219 -6.92 8.52 5.82
N PRO A 220 -7.97 9.06 6.49
CA PRO A 220 -7.97 10.52 6.67
C PRO A 220 -6.81 11.07 7.44
N ARG A 221 -6.20 10.29 8.33
CA ARG A 221 -5.09 10.80 9.03
C ARG A 221 -3.94 11.24 8.14
N TYR A 222 -3.75 10.62 6.99
CA TYR A 222 -2.60 10.84 6.15
C TYR A 222 -2.94 11.56 4.85
N MET A 223 -4.20 11.92 4.67
CA MET A 223 -4.67 12.47 3.39
C MET A 223 -4.14 13.85 3.09
N ALA A 224 -3.70 14.07 1.87
CA ALA A 224 -3.23 15.39 1.47
C ALA A 224 -4.37 16.38 1.43
N PRO A 225 -4.11 17.62 1.85
CA PRO A 225 -5.21 18.58 1.99
C PRO A 225 -5.97 18.88 0.69
N GLU A 226 -5.31 18.85 -0.45
CA GLU A 226 -5.94 19.19 -1.70
C GLU A 226 -6.93 18.10 -2.14
N LEU A 227 -6.87 16.91 -1.55
CA LEU A 227 -7.84 15.87 -1.88
C LEU A 227 -9.23 16.27 -1.39
N LEU A 228 -9.34 17.16 -0.43
CA LEU A 228 -10.67 17.57 0.00
C LEU A 228 -11.45 18.24 -1.15
N GLN A 229 -10.73 18.94 -2.02
CA GLN A 229 -11.31 19.53 -3.21
C GLN A 229 -11.21 18.63 -4.45
N GLY A 230 -10.79 17.39 -4.29
CA GLY A 230 -10.73 16.48 -5.41
C GLY A 230 -9.56 16.71 -6.34
N SER A 231 -8.48 17.34 -5.84
CA SER A 231 -7.31 17.58 -6.68
C SER A 231 -6.27 16.46 -6.60
N TYR A 232 -6.43 15.42 -7.42
CA TYR A 232 -5.65 14.20 -7.33
C TYR A 232 -4.40 14.36 -8.15
N GLY A 233 -3.26 13.98 -7.57
CA GLY A 233 -1.97 14.09 -8.25
C GLY A 233 -0.95 13.32 -7.44
N THR A 234 0.22 13.10 -8.04
CA THR A 234 1.28 12.38 -7.36
C THR A 234 1.72 13.09 -6.07
N ALA A 235 1.61 14.43 -6.03
CA ALA A 235 1.96 15.19 -4.83
C ALA A 235 1.27 14.65 -3.58
N ALA A 236 0.06 14.16 -3.74
CA ALA A 236 -0.69 13.68 -2.59
C ALA A 236 0.11 12.63 -1.79
N ASP A 237 0.80 11.75 -2.49
CA ASP A 237 1.56 10.70 -1.83
C ASP A 237 2.74 11.24 -1.07
N VAL A 238 3.35 12.31 -1.59
CA VAL A 238 4.50 12.93 -0.89
C VAL A 238 4.03 13.45 0.46
N PHE A 239 2.86 14.07 0.48
CA PHE A 239 2.31 14.56 1.72
C PHE A 239 2.04 13.41 2.69
N SER A 240 1.36 12.39 2.20
CA SER A 240 1.08 11.26 3.04
C SER A 240 2.34 10.61 3.60
N LEU A 241 3.39 10.49 2.79
CA LEU A 241 4.65 9.99 3.31
C LEU A 241 5.27 10.93 4.34
N GLY A 242 5.13 12.22 4.14
CA GLY A 242 5.59 13.20 5.12
C GLY A 242 4.96 12.95 6.47
N LEU A 243 3.66 12.78 6.52
CA LEU A 243 3.00 12.51 7.79
C LEU A 243 3.33 11.12 8.36
N THR A 244 3.52 10.14 7.48
CA THR A 244 3.97 8.82 7.90
C THR A 244 5.30 8.92 8.64
N ILE A 245 6.25 9.67 8.07
CA ILE A 245 7.57 9.78 8.65
C ILE A 245 7.54 10.64 9.92
N LEU A 246 6.75 11.70 9.92
CA LEU A 246 6.55 12.49 11.13
C LEU A 246 6.02 11.60 12.26
N GLU A 247 5.01 10.80 11.99
CA GLU A 247 4.47 9.89 13.00
C GLU A 247 5.51 8.93 13.57
N VAL A 248 6.26 8.26 12.70
CA VAL A 248 7.17 7.25 13.20
C VAL A 248 8.41 7.87 13.86
N ALA A 249 8.86 9.03 13.36
CA ALA A 249 10.04 9.66 13.91
C ALA A 249 9.77 10.33 15.26
N CYS A 250 8.49 10.61 15.55
CA CYS A 250 8.12 11.36 16.75
C CYS A 250 7.20 10.62 17.66
N ASN A 251 6.78 9.42 17.27
CA ASN A 251 5.82 8.63 18.05
C ASN A 251 4.55 9.46 18.30
N MET A 252 4.07 10.12 17.24
CA MET A 252 2.97 11.09 17.34
C MET A 252 1.73 10.55 16.62
N GLU A 253 0.68 10.32 17.40
CA GLU A 253 -0.61 9.97 16.90
C GLU A 253 -1.14 11.09 16.01
N LEU A 254 -1.63 10.75 14.85
CA LEU A 254 -2.15 11.74 13.93
C LEU A 254 -3.68 11.82 14.05
N PRO A 255 -4.22 13.04 14.14
CA PRO A 255 -5.66 13.23 14.20
C PRO A 255 -6.36 12.86 12.90
N HIS A 256 -7.55 12.31 13.07
N HIS A 256 -7.58 12.33 12.98
CA HIS A 256 -8.42 11.99 11.94
CA HIS A 256 -8.37 12.11 11.75
C HIS A 256 -9.17 13.22 11.49
C HIS A 256 -9.34 13.22 11.51
N GLY A 257 -9.26 14.26 12.33
CA GLY A 257 -10.02 15.44 12.01
C GLY A 257 -9.80 16.51 13.03
N GLY A 258 -10.66 17.51 13.02
CA GLY A 258 -10.60 18.62 13.97
C GLY A 258 -9.44 19.57 13.74
N GLU A 259 -9.21 20.43 14.73
CA GLU A 259 -8.24 21.48 14.64
C GLU A 259 -6.83 20.98 14.34
N GLY A 260 -6.44 19.86 14.92
CA GLY A 260 -5.11 19.36 14.76
C GLY A 260 -4.89 18.88 13.35
N TRP A 261 -5.94 18.27 12.76
CA TRP A 261 -5.85 17.82 11.39
C TRP A 261 -5.59 19.00 10.42
N GLN A 262 -6.31 20.08 10.66
CA GLN A 262 -6.14 21.30 9.89
C GLN A 262 -4.76 21.85 10.07
N GLN A 263 -4.28 21.91 11.31
CA GLN A 263 -2.97 22.52 11.58
C GLN A 263 -1.84 21.81 10.86
N LEU A 264 -1.87 20.47 10.84
CA LEU A 264 -0.85 19.71 10.12
C LEU A 264 -0.88 19.93 8.63
N ARG A 265 -1.97 20.50 8.14
CA ARG A 265 -2.14 20.82 6.73
C ARG A 265 -2.00 22.30 6.46
N GLN A 266 -1.45 23.02 7.46
CA GLN A 266 -1.10 24.45 7.39
C GLN A 266 0.33 24.69 7.83
N GLY A 267 1.17 23.69 7.70
CA GLY A 267 2.59 23.88 8.01
C GLY A 267 2.98 23.75 9.47
N TYR A 268 2.05 23.41 10.35
CA TYR A 268 2.37 23.27 11.77
C TYR A 268 3.10 21.96 12.09
N LEU A 269 4.23 22.07 12.76
CA LEU A 269 4.93 20.96 13.37
C LEU A 269 4.85 21.14 14.90
N PRO A 270 4.06 20.33 15.59
CA PRO A 270 3.83 20.49 17.03
C PRO A 270 5.13 20.46 17.79
N PRO A 271 5.48 21.54 18.52
CA PRO A 271 6.79 21.61 19.17
C PRO A 271 7.06 20.51 20.19
N GLU A 272 6.04 20.09 20.94
CA GLU A 272 6.20 19.08 21.97
C GLU A 272 6.60 17.71 21.42
N PHE A 273 6.28 17.46 20.16
CA PHE A 273 6.54 16.21 19.55
C PHE A 273 7.74 16.25 18.63
N THR A 274 8.05 17.44 18.07
CA THR A 274 9.02 17.52 16.96
C THR A 274 10.32 18.18 17.36
N ALA A 275 10.48 18.64 18.59
CA ALA A 275 11.64 19.44 18.93
C ALA A 275 12.86 18.58 18.94
N GLY A 276 12.72 17.28 18.96
CA GLY A 276 13.89 16.43 19.03
C GLY A 276 14.38 15.96 17.66
N LEU A 277 13.72 16.38 16.58
CA LEU A 277 14.13 16.06 15.20
C LEU A 277 15.42 16.82 14.89
N SER A 278 16.28 16.17 14.11
CA SER A 278 17.42 16.88 13.58
C SER A 278 16.90 17.97 12.65
N SER A 279 17.71 19.00 12.50
CA SER A 279 17.38 20.07 11.57
C SER A 279 17.24 19.52 10.19
N GLU A 280 18.09 18.58 9.81
CA GLU A 280 18.02 18.02 8.47
C GLU A 280 16.70 17.27 8.21
N LEU A 281 16.27 16.44 9.15
CA LEU A 281 15.03 15.72 8.96
C LEU A 281 13.84 16.66 9.00
N ARG A 282 13.85 17.63 9.89
CA ARG A 282 12.80 18.62 9.93
C ARG A 282 12.69 19.35 8.57
N SER A 283 13.82 19.72 7.98
N SER A 283 13.83 19.68 7.98
CA SER A 283 13.80 20.45 6.71
CA SER A 283 13.84 20.44 6.73
C SER A 283 13.12 19.59 5.63
C SER A 283 13.25 19.64 5.57
N VAL A 284 13.51 18.34 5.55
CA VAL A 284 12.93 17.45 4.54
C VAL A 284 11.43 17.28 4.79
N LEU A 285 11.02 17.13 6.04
CA LEU A 285 9.58 17.02 6.30
C LEU A 285 8.82 18.28 5.92
N VAL A 286 9.36 19.47 6.15
CA VAL A 286 8.70 20.69 5.73
C VAL A 286 8.50 20.71 4.22
N MET A 287 9.47 20.21 3.46
CA MET A 287 9.32 20.15 2.03
C MET A 287 8.19 19.25 1.62
N MET A 288 8.03 18.12 2.32
CA MET A 288 7.03 17.11 2.00
C MET A 288 5.62 17.53 2.43
N LEU A 289 5.53 18.34 3.47
CA LEU A 289 4.26 18.71 4.05
C LEU A 289 3.75 20.08 3.57
N GLU A 290 4.39 20.65 2.55
CA GLU A 290 3.92 21.88 1.97
C GLU A 290 2.44 21.79 1.61
N PRO A 291 1.60 22.71 2.12
CA PRO A 291 0.15 22.56 1.85
C PRO A 291 -0.21 22.69 0.41
N ASP A 292 0.50 23.51 -0.34
CA ASP A 292 0.19 23.70 -1.78
C ASP A 292 0.85 22.59 -2.60
N PRO A 293 0.06 21.74 -3.24
CA PRO A 293 0.68 20.65 -3.98
C PRO A 293 1.57 21.12 -5.13
N LYS A 294 1.35 22.33 -5.61
CA LYS A 294 2.16 22.80 -6.72
C LYS A 294 3.57 23.20 -6.25
N LEU A 295 3.72 23.47 -4.96
CA LEU A 295 4.98 23.82 -4.31
C LEU A 295 5.70 22.68 -3.58
N ARG A 296 4.96 21.63 -3.30
CA ARG A 296 5.46 20.49 -2.60
C ARG A 296 6.56 19.80 -3.41
N ALA A 297 7.61 19.32 -2.74
CA ALA A 297 8.68 18.63 -3.44
C ALA A 297 8.18 17.35 -4.07
N THR A 298 8.77 16.96 -5.19
CA THR A 298 8.55 15.64 -5.80
C THR A 298 9.47 14.59 -5.19
N ALA A 299 9.11 13.33 -5.33
CA ALA A 299 9.97 12.28 -4.83
C ALA A 299 11.32 12.31 -5.49
N GLU A 300 11.41 12.56 -6.80
CA GLU A 300 12.69 12.67 -7.50
C GLU A 300 13.52 13.80 -6.95
N ALA A 301 12.88 14.94 -6.71
CA ALA A 301 13.62 16.08 -6.19
C ALA A 301 14.16 15.81 -4.79
N LEU A 302 13.39 15.16 -3.94
CA LEU A 302 13.84 14.79 -2.61
C LEU A 302 15.01 13.81 -2.67
N LEU A 303 14.94 12.79 -3.53
CA LEU A 303 16.01 11.82 -3.65
C LEU A 303 17.33 12.38 -4.15
N ALA A 304 17.25 13.53 -4.83
CA ALA A 304 18.45 14.26 -5.28
C ALA A 304 19.15 14.99 -4.16
N LEU A 305 18.52 15.19 -3.03
CA LEU A 305 19.22 15.88 -1.92
C LEU A 305 20.37 15.02 -1.41
N PRO A 306 21.50 15.62 -1.12
CA PRO A 306 22.61 14.82 -0.61
C PRO A 306 22.25 14.07 0.64
N VAL A 307 21.44 14.61 1.53
CA VAL A 307 21.10 13.88 2.75
C VAL A 307 20.40 12.57 2.49
N LEU A 308 19.78 12.41 1.31
CA LEU A 308 19.04 11.20 0.95
C LEU A 308 19.85 10.30 -0.01
N ARG A 309 21.09 10.58 -0.27
CA ARG A 309 21.78 9.78 -1.26
C ARG A 309 22.55 8.68 -0.53
N GLN A 310 23.48 9.07 0.35
CA GLN A 310 24.19 8.11 1.17
C GLN A 310 23.24 7.27 2.05
#